data_3ZUO
#
_entry.id   3ZUO
#
_cell.length_a   41.756
_cell.length_b   112.789
_cell.length_c   62.394
_cell.angle_alpha   90.00
_cell.angle_beta   101.89
_cell.angle_gamma   90.00
#
_symmetry.space_group_name_H-M   'P 1 21 1'
#
loop_
_entity.id
_entity.type
_entity.pdbx_description
1 polymer 'COMPLEMENT INHIBITOR'
2 non-polymer 'LEUKOTRIENE B4'
3 water water
#
_entity_poly.entity_id   1
_entity_poly.type   'polypeptide(L)'
_entity_poly.pdbx_seq_one_letter_code
;DSESDCTGSEPVDAFQAFSEGKEAYVLVRSTDPKARDCLKGEPAGEKQDNTLPVMMTFKNGTDWASTDWTFTLDGAKVTA
TLGNLTQNREVVYDSQSHHCHVDKVEKEVPDYEMWMLDAGGLEVEVECCRQKLEELASGRNQMYPHLKDC
;
_entity_poly.pdbx_strand_id   A,B,C,D
#
loop_
_chem_comp.id
_chem_comp.type
_chem_comp.name
_chem_comp.formula
LTB non-polymer 'LEUKOTRIENE B4' 'C20 H32 O4'
#
# COMPACT_ATOMS: atom_id res chain seq x y z
N ASP A 5 15.25 20.69 4.03
CA ASP A 5 15.28 20.86 2.59
C ASP A 5 15.87 19.61 1.93
N CYS A 6 15.23 19.13 0.84
CA CYS A 6 15.67 17.94 0.11
C CYS A 6 15.72 18.19 -1.41
N THR A 7 16.31 19.33 -1.81
CA THR A 7 16.48 19.65 -3.23
C THR A 7 17.71 18.88 -3.71
N GLY A 8 17.55 18.03 -4.73
CA GLY A 8 18.63 17.21 -5.26
C GLY A 8 19.40 17.91 -6.38
N SER A 9 20.23 17.14 -7.11
CA SER A 9 20.99 17.66 -8.23
C SER A 9 20.02 17.91 -9.40
N GLU A 10 20.04 19.13 -9.97
CA GLU A 10 19.14 19.51 -11.07
C GLU A 10 19.93 20.20 -12.20
N PRO A 11 19.73 19.81 -13.48
CA PRO A 11 18.88 18.72 -13.98
C PRO A 11 19.50 17.36 -13.64
N VAL A 12 18.67 16.32 -13.55
CA VAL A 12 19.18 14.99 -13.18
C VAL A 12 19.95 14.40 -14.37
N ASP A 13 21.16 13.90 -14.10
CA ASP A 13 22.02 13.27 -15.11
C ASP A 13 22.45 11.92 -14.54
N ALA A 14 22.12 10.82 -15.24
CA ALA A 14 22.42 9.46 -14.80
C ALA A 14 23.91 9.21 -14.60
N PHE A 15 24.76 9.68 -15.54
CA PHE A 15 26.22 9.51 -15.44
C PHE A 15 26.75 10.17 -14.16
N GLN A 16 26.26 11.37 -13.82
CA GLN A 16 26.67 12.06 -12.59
C GLN A 16 26.10 11.34 -11.36
N ALA A 17 24.84 10.85 -11.43
CA ALA A 17 24.20 10.12 -10.35
C ALA A 17 24.95 8.83 -9.97
N PHE A 18 25.68 8.22 -10.95
CA PHE A 18 26.47 7.02 -10.70
C PHE A 18 27.96 7.35 -10.46
N SER A 19 28.28 8.58 -9.98
CA SER A 19 29.65 9.03 -9.74
C SER A 19 30.56 8.79 -10.97
N GLU A 20 30.03 9.09 -12.18
CA GLU A 20 30.71 8.92 -13.47
C GLU A 20 31.25 7.49 -13.70
N GLY A 21 30.48 6.48 -13.25
CA GLY A 21 30.85 5.06 -13.41
C GLY A 21 32.09 4.62 -12.61
N LYS A 22 32.44 5.32 -11.51
CA LYS A 22 33.61 5.00 -10.69
C LYS A 22 33.28 4.38 -9.32
N GLU A 23 32.01 4.34 -8.90
CA GLU A 23 31.61 3.82 -7.58
C GLU A 23 30.57 2.71 -7.66
N ALA A 24 30.56 1.84 -6.62
CA ALA A 24 29.59 0.75 -6.52
C ALA A 24 28.36 1.27 -5.79
N TYR A 25 27.16 0.91 -6.29
CA TYR A 25 25.88 1.31 -5.68
C TYR A 25 25.11 0.06 -5.28
N VAL A 26 24.38 0.14 -4.15
CA VAL A 26 23.57 -0.97 -3.63
C VAL A 26 22.09 -0.62 -3.67
N LEU A 27 21.23 -1.61 -3.98
CA LEU A 27 19.78 -1.41 -4.01
C LEU A 27 19.28 -1.52 -2.57
N VAL A 28 18.72 -0.41 -2.02
CA VAL A 28 18.25 -0.38 -0.63
C VAL A 28 16.73 -0.27 -0.46
N ARG A 29 16.00 0.11 -1.51
CA ARG A 29 14.53 0.14 -1.50
C ARG A 29 14.04 -0.28 -2.86
N SER A 30 12.93 -1.02 -2.91
CA SER A 30 12.33 -1.42 -4.18
C SER A 30 10.87 -1.78 -4.00
N THR A 31 10.00 -1.32 -4.90
CA THR A 31 8.58 -1.67 -4.88
C THR A 31 8.36 -3.01 -5.62
N ASP A 32 9.40 -3.54 -6.30
CA ASP A 32 9.29 -4.81 -7.01
C ASP A 32 9.41 -5.95 -6.00
N PRO A 33 8.38 -6.82 -5.83
CA PRO A 33 8.50 -7.93 -4.88
C PRO A 33 9.59 -8.95 -5.30
N LYS A 34 9.93 -8.99 -6.61
CA LYS A 34 10.99 -9.87 -7.13
C LYS A 34 12.36 -9.15 -7.17
N ALA A 35 12.56 -8.06 -6.37
CA ALA A 35 13.84 -7.35 -6.31
C ALA A 35 14.93 -8.31 -5.85
N ARG A 36 16.09 -8.25 -6.49
CA ARG A 36 17.22 -9.16 -6.21
C ARG A 36 17.79 -8.91 -4.82
N ASP A 37 17.95 -9.97 -4.01
CA ASP A 37 18.50 -9.85 -2.64
C ASP A 37 19.97 -9.44 -2.72
N CYS A 38 20.39 -8.46 -1.88
CA CYS A 38 21.77 -7.97 -1.79
C CYS A 38 22.31 -7.44 -3.12
N LEU A 39 21.44 -6.84 -3.96
CA LEU A 39 21.87 -6.35 -5.27
C LEU A 39 22.86 -5.20 -5.18
N LYS A 40 23.99 -5.33 -5.87
CA LYS A 40 25.05 -4.33 -5.93
C LYS A 40 25.51 -4.19 -7.38
N GLY A 41 25.52 -2.96 -7.92
CA GLY A 41 25.98 -2.68 -9.27
C GLY A 41 27.32 -1.97 -9.15
N GLU A 42 28.38 -2.50 -9.81
CA GLU A 42 29.73 -1.91 -9.73
C GLU A 42 30.42 -1.84 -11.10
N PRO A 43 31.50 -1.02 -11.23
CA PRO A 43 32.21 -0.93 -12.52
C PRO A 43 32.87 -2.25 -12.93
N ALA A 44 32.83 -2.56 -14.24
CA ALA A 44 33.38 -3.79 -14.80
C ALA A 44 34.24 -3.48 -16.04
N GLY A 45 35.18 -2.54 -15.89
CA GLY A 45 36.07 -2.12 -16.97
C GLY A 45 35.36 -1.11 -17.88
N GLU A 46 35.63 -1.19 -19.20
CA GLU A 46 35.02 -0.30 -20.19
C GLU A 46 35.09 -0.91 -21.58
N THR A 51 28.85 3.43 -24.23
CA THR A 51 28.37 2.32 -23.41
C THR A 51 29.06 2.32 -22.04
N LEU A 52 28.52 1.55 -21.08
CA LEU A 52 29.07 1.44 -19.73
C LEU A 52 28.79 0.02 -19.18
N PRO A 53 29.83 -0.86 -19.07
CA PRO A 53 29.62 -2.21 -18.55
C PRO A 53 29.47 -2.20 -17.03
N VAL A 54 28.46 -2.92 -16.50
CA VAL A 54 28.17 -2.97 -15.06
C VAL A 54 28.05 -4.42 -14.61
N MET A 55 28.73 -4.76 -13.50
CA MET A 55 28.68 -6.11 -12.91
C MET A 55 27.69 -6.06 -11.76
N MET A 56 26.61 -6.86 -11.85
CA MET A 56 25.60 -6.94 -10.81
C MET A 56 25.85 -8.19 -9.98
N THR A 57 25.97 -8.05 -8.65
CA THR A 57 26.16 -9.19 -7.74
C THR A 57 24.96 -9.26 -6.80
N PHE A 58 24.39 -10.46 -6.62
CA PHE A 58 23.20 -10.66 -5.78
C PHE A 58 23.10 -12.10 -5.28
N LYS A 59 22.08 -12.39 -4.45
CA LYS A 59 21.84 -13.74 -3.90
C LYS A 59 20.51 -14.30 -4.41
N ASN A 60 20.48 -15.61 -4.70
CA ASN A 60 19.28 -16.29 -5.20
C ASN A 60 19.40 -17.83 -4.99
N GLY A 61 19.08 -18.40 -3.81
CA GLY A 61 18.63 -17.74 -2.58
C GLY A 61 19.78 -17.68 -1.57
N THR A 62 20.40 -18.83 -1.29
CA THR A 62 21.55 -18.94 -0.38
C THR A 62 22.87 -18.70 -1.13
N ASP A 63 22.94 -19.12 -2.42
CA ASP A 63 24.16 -18.99 -3.23
C ASP A 63 24.26 -17.60 -3.88
N TRP A 64 25.49 -17.06 -3.95
CA TRP A 64 25.75 -15.78 -4.59
C TRP A 64 25.79 -15.96 -6.10
N ALA A 65 25.25 -14.99 -6.85
CA ALA A 65 25.22 -14.99 -8.31
C ALA A 65 25.71 -13.65 -8.83
N SER A 66 26.19 -13.63 -10.08
CA SER A 66 26.69 -12.41 -10.70
C SER A 66 26.42 -12.41 -12.21
N THR A 67 25.96 -11.26 -12.74
CA THR A 67 25.65 -11.08 -14.17
C THR A 67 26.29 -9.79 -14.70
N ASP A 68 26.54 -9.72 -16.01
CA ASP A 68 27.18 -8.57 -16.65
C ASP A 68 26.17 -7.82 -17.52
N TRP A 69 25.77 -6.62 -17.08
CA TRP A 69 24.81 -5.78 -17.80
C TRP A 69 25.55 -4.64 -18.52
N THR A 70 24.99 -4.20 -19.66
CA THR A 70 25.55 -3.11 -20.47
C THR A 70 24.57 -1.94 -20.37
N PHE A 71 25.02 -0.80 -19.81
CA PHE A 71 24.19 0.39 -19.64
C PHE A 71 24.41 1.38 -20.80
N THR A 72 23.33 1.95 -21.33
CA THR A 72 23.38 3.00 -22.36
C THR A 72 22.68 4.21 -21.72
N LEU A 73 23.45 5.29 -21.45
CA LEU A 73 22.95 6.48 -20.79
C LEU A 73 22.64 7.62 -21.76
N ASP A 74 21.59 8.39 -21.46
CA ASP A 74 21.19 9.57 -22.21
C ASP A 74 20.42 10.50 -21.28
N GLY A 75 21.12 11.51 -20.71
CA GLY A 75 20.52 12.44 -19.75
C GLY A 75 20.17 11.69 -18.46
N ALA A 76 18.90 11.76 -18.04
CA ALA A 76 18.41 11.07 -16.86
C ALA A 76 17.98 9.61 -17.15
N LYS A 77 17.84 9.23 -18.44
CA LYS A 77 17.39 7.89 -18.84
C LYS A 77 18.53 6.87 -18.87
N VAL A 78 18.22 5.62 -18.46
CA VAL A 78 19.19 4.52 -18.38
C VAL A 78 18.59 3.23 -18.95
N THR A 79 19.17 2.71 -20.04
CA THR A 79 18.74 1.44 -20.62
C THR A 79 19.80 0.40 -20.30
N ALA A 80 19.39 -0.70 -19.65
CA ALA A 80 20.30 -1.78 -19.26
C ALA A 80 19.94 -3.04 -20.05
N THR A 81 20.95 -3.76 -20.59
CA THR A 81 20.74 -4.98 -21.36
C THR A 81 21.61 -6.15 -20.90
N LEU A 82 21.05 -7.37 -20.93
CA LEU A 82 21.73 -8.62 -20.59
C LEU A 82 21.29 -9.65 -21.62
N GLY A 83 22.15 -9.90 -22.64
CA GLY A 83 21.81 -10.81 -23.72
C GLY A 83 20.76 -10.11 -24.57
N ASN A 84 19.52 -10.63 -24.57
CA ASN A 84 18.40 -10.03 -25.28
C ASN A 84 17.31 -9.44 -24.33
N LEU A 85 17.57 -9.47 -23.01
CA LEU A 85 16.66 -8.90 -22.01
C LEU A 85 17.00 -7.42 -21.90
N THR A 86 15.99 -6.53 -21.94
CA THR A 86 16.18 -5.09 -21.86
C THR A 86 15.33 -4.50 -20.74
N GLN A 87 15.92 -3.64 -19.90
CA GLN A 87 15.22 -2.93 -18.83
C GLN A 87 15.49 -1.44 -18.98
N ASN A 88 14.43 -0.61 -18.96
CA ASN A 88 14.54 0.84 -19.11
C ASN A 88 14.23 1.52 -17.78
N ARG A 89 15.08 2.49 -17.39
CA ARG A 89 14.94 3.25 -16.15
C ARG A 89 15.12 4.74 -16.42
N GLU A 90 14.60 5.55 -15.49
CA GLU A 90 14.78 7.00 -15.50
C GLU A 90 15.16 7.39 -14.08
N VAL A 91 16.29 8.12 -13.92
CA VAL A 91 16.71 8.59 -12.60
C VAL A 91 15.82 9.81 -12.35
N VAL A 92 14.82 9.68 -11.47
CA VAL A 92 13.85 10.76 -11.19
C VAL A 92 14.30 11.70 -10.07
N TYR A 93 15.27 11.28 -9.25
CA TYR A 93 15.82 12.11 -8.17
C TYR A 93 17.24 11.66 -7.89
N ASP A 94 18.16 12.60 -7.73
CA ASP A 94 19.56 12.34 -7.40
C ASP A 94 19.96 13.31 -6.30
N SER A 95 20.62 12.83 -5.23
CA SER A 95 21.02 13.70 -4.13
C SER A 95 22.13 14.69 -4.52
N GLN A 96 22.34 15.72 -3.67
CA GLN A 96 23.31 16.79 -3.88
C GLN A 96 24.72 16.32 -4.26
N SER A 97 25.27 15.33 -3.53
CA SER A 97 26.62 14.80 -3.73
C SER A 97 26.66 13.47 -4.49
N HIS A 98 25.53 13.06 -5.13
CA HIS A 98 25.42 11.82 -5.88
C HIS A 98 25.66 10.57 -4.98
N HIS A 99 25.25 10.68 -3.70
CA HIS A 99 25.38 9.59 -2.72
C HIS A 99 24.25 8.59 -2.89
N CYS A 100 23.09 9.05 -3.37
CA CYS A 100 21.95 8.19 -3.62
C CYS A 100 21.05 8.78 -4.68
N HIS A 101 20.19 7.94 -5.24
CA HIS A 101 19.25 8.36 -6.27
C HIS A 101 18.06 7.42 -6.31
N VAL A 102 16.96 7.88 -6.94
CA VAL A 102 15.72 7.10 -7.07
C VAL A 102 15.42 6.91 -8.54
N ASP A 103 15.18 5.66 -8.96
CA ASP A 103 14.86 5.32 -10.34
C ASP A 103 13.41 4.94 -10.48
N LYS A 104 12.84 5.22 -11.66
CA LYS A 104 11.50 4.77 -12.04
C LYS A 104 11.77 3.66 -13.05
N VAL A 105 11.42 2.42 -12.72
CA VAL A 105 11.64 1.28 -13.62
C VAL A 105 10.45 1.26 -14.58
N GLU A 106 10.70 1.59 -15.86
CA GLU A 106 9.65 1.70 -16.87
C GLU A 106 9.07 0.34 -17.28
N LYS A 107 7.75 0.16 -17.06
CA LYS A 107 7.00 -1.05 -17.43
C LYS A 107 5.49 -0.73 -17.36
N GLU A 108 4.59 -1.72 -17.56
CA GLU A 108 3.13 -1.47 -17.53
C GLU A 108 2.70 -0.78 -16.23
N VAL A 109 3.17 -1.29 -15.09
CA VAL A 109 2.92 -0.70 -13.77
C VAL A 109 4.32 -0.40 -13.21
N PRO A 110 4.86 0.82 -13.43
CA PRO A 110 6.23 1.13 -13.04
C PRO A 110 6.61 0.88 -11.59
N ASP A 111 7.84 0.40 -11.36
CA ASP A 111 8.40 0.19 -10.03
C ASP A 111 9.34 1.33 -9.70
N TYR A 112 9.62 1.52 -8.41
CA TYR A 112 10.54 2.56 -7.96
C TYR A 112 11.63 1.93 -7.12
N GLU A 113 12.90 2.33 -7.36
CA GLU A 113 14.07 1.79 -6.68
C GLU A 113 14.90 2.90 -6.08
N MET A 114 15.51 2.67 -4.91
CA MET A 114 16.46 3.60 -4.30
C MET A 114 17.80 2.92 -4.31
N TRP A 115 18.81 3.59 -4.88
CA TRP A 115 20.18 3.09 -4.93
C TRP A 115 21.04 4.07 -4.16
N MET A 116 22.00 3.56 -3.38
CA MET A 116 22.94 4.39 -2.62
C MET A 116 24.34 3.82 -2.70
N LEU A 117 25.36 4.67 -2.49
CA LEU A 117 26.76 4.23 -2.52
C LEU A 117 26.98 3.07 -1.54
N ASP A 118 27.79 2.08 -1.94
CA ASP A 118 28.12 0.94 -1.10
C ASP A 118 28.89 1.39 0.16
N ALA A 119 29.65 2.50 0.05
CA ALA A 119 30.41 3.06 1.18
C ALA A 119 30.61 4.57 1.02
N GLY A 120 30.28 5.36 2.07
CA GLY A 120 30.48 6.80 2.09
C GLY A 120 29.23 7.65 1.81
N GLY A 121 28.02 7.18 2.19
CA GLY A 121 26.77 7.92 1.97
C GLY A 121 26.49 8.89 3.13
N LEU A 122 26.17 10.15 2.82
CA LEU A 122 25.86 11.17 3.83
C LEU A 122 24.41 11.01 4.30
N GLU A 123 24.20 10.79 5.61
CA GLU A 123 22.89 10.54 6.23
C GLU A 123 21.75 11.47 5.78
N VAL A 124 21.95 12.81 5.82
CA VAL A 124 20.90 13.76 5.43
C VAL A 124 20.47 13.54 3.97
N GLU A 125 21.42 13.25 3.07
CA GLU A 125 21.12 12.98 1.67
C GLU A 125 20.42 11.64 1.47
N VAL A 126 20.87 10.59 2.20
CA VAL A 126 20.25 9.25 2.11
C VAL A 126 18.80 9.33 2.59
N GLU A 127 18.54 10.11 3.65
CA GLU A 127 17.18 10.30 4.17
C GLU A 127 16.28 11.02 3.14
N CYS A 128 16.83 11.97 2.35
CA CYS A 128 16.06 12.65 1.30
C CYS A 128 15.67 11.66 0.20
N CYS A 129 16.55 10.69 -0.12
CA CYS A 129 16.25 9.65 -1.10
C CYS A 129 15.17 8.72 -0.56
N ARG A 130 15.23 8.37 0.75
CA ARG A 130 14.22 7.50 1.39
C ARG A 130 12.85 8.16 1.33
N GLN A 131 12.78 9.49 1.56
CA GLN A 131 11.53 10.23 1.50
C GLN A 131 11.00 10.31 0.06
N LYS A 132 11.88 10.53 -0.92
CA LYS A 132 11.46 10.59 -2.34
C LYS A 132 10.91 9.24 -2.80
N LEU A 133 11.51 8.14 -2.32
CA LEU A 133 11.04 6.79 -2.64
C LEU A 133 9.68 6.56 -1.97
N GLU A 134 9.52 7.00 -0.70
CA GLU A 134 8.24 6.92 0.04
C GLU A 134 7.13 7.65 -0.71
N GLU A 135 7.41 8.88 -1.21
CA GLU A 135 6.45 9.67 -1.97
C GLU A 135 6.00 8.95 -3.25
N LEU A 136 6.96 8.45 -4.04
CA LEU A 136 6.66 7.78 -5.31
C LEU A 136 6.03 6.40 -5.11
N ALA A 137 6.50 5.63 -4.11
CA ALA A 137 5.94 4.31 -3.82
C ALA A 137 4.57 4.43 -3.16
N SER A 138 4.33 5.52 -2.40
CA SER A 138 3.10 5.79 -1.65
C SER A 138 2.80 4.61 -0.69
N GLY A 139 1.68 3.87 -0.84
CA GLY A 139 1.38 2.75 0.04
C GLY A 139 2.00 1.42 -0.43
N ARG A 140 2.67 1.37 -1.61
CA ARG A 140 3.23 0.11 -2.09
C ARG A 140 4.40 -0.37 -1.23
N ASN A 141 4.43 -1.66 -0.90
CA ASN A 141 5.45 -2.24 -0.02
C ASN A 141 6.85 -2.03 -0.56
N GLN A 142 7.75 -1.54 0.30
CA GLN A 142 9.14 -1.27 -0.05
C GLN A 142 9.99 -2.41 0.47
N MET A 143 10.61 -3.18 -0.45
CA MET A 143 11.50 -4.27 -0.08
C MET A 143 12.83 -3.62 0.32
N TYR A 144 13.57 -4.21 1.26
CA TYR A 144 14.88 -3.74 1.72
C TYR A 144 15.87 -4.86 1.33
N PRO A 145 16.32 -4.91 0.05
CA PRO A 145 17.17 -6.03 -0.38
C PRO A 145 18.51 -6.17 0.32
N HIS A 146 19.08 -5.08 0.83
CA HIS A 146 20.36 -5.11 1.55
C HIS A 146 20.27 -5.74 2.96
N LEU A 147 19.05 -5.99 3.49
CA LEU A 147 18.86 -6.63 4.80
C LEU A 147 18.40 -8.10 4.63
N LYS A 148 18.98 -8.84 3.66
CA LYS A 148 18.66 -10.23 3.40
C LYS A 148 19.90 -11.10 3.63
N ASP A 149 20.51 -10.96 4.83
CA ASP A 149 21.71 -11.70 5.26
C ASP A 149 22.84 -11.55 4.21
N CYS A 150 23.15 -10.29 3.88
CA CYS A 150 24.15 -9.91 2.87
C CYS A 150 25.57 -9.84 3.44
N CYS B 6 17.76 -8.73 11.61
CA CYS B 6 17.43 -7.53 12.37
C CYS B 6 16.84 -7.89 13.74
N THR B 7 17.51 -8.79 14.49
CA THR B 7 17.06 -9.20 15.82
C THR B 7 17.32 -8.06 16.80
N GLY B 8 16.26 -7.50 17.38
CA GLY B 8 16.36 -6.40 18.34
C GLY B 8 16.39 -6.91 19.79
N SER B 9 16.06 -6.04 20.74
CA SER B 9 16.02 -6.38 22.16
C SER B 9 14.79 -7.25 22.44
N GLU B 10 14.98 -8.43 23.06
CA GLU B 10 13.91 -9.37 23.39
C GLU B 10 14.12 -9.91 24.81
N PRO B 11 13.17 -9.72 25.76
CA PRO B 11 11.88 -9.03 25.66
C PRO B 11 12.05 -7.51 25.55
N VAL B 12 11.06 -6.83 24.96
CA VAL B 12 11.11 -5.38 24.76
C VAL B 12 10.73 -4.69 26.07
N ASP B 13 11.58 -3.78 26.57
CA ASP B 13 11.33 -3.01 27.79
C ASP B 13 11.38 -1.53 27.41
N ALA B 14 10.28 -0.80 27.63
CA ALA B 14 10.17 0.63 27.28
C ALA B 14 11.21 1.51 27.95
N PHE B 15 11.51 1.27 29.25
CA PHE B 15 12.51 2.06 29.98
C PHE B 15 13.90 1.90 29.36
N GLN B 16 14.27 0.66 28.97
CA GLN B 16 15.56 0.40 28.33
C GLN B 16 15.59 0.98 26.91
N ALA B 17 14.44 0.91 26.19
CA ALA B 17 14.32 1.48 24.84
C ALA B 17 14.51 3.00 24.84
N PHE B 18 14.21 3.69 25.97
CA PHE B 18 14.40 5.14 26.09
C PHE B 18 15.74 5.49 26.76
N SER B 19 16.75 4.58 26.72
CA SER B 19 18.07 4.77 27.33
C SER B 19 17.96 5.15 28.82
N GLU B 20 17.01 4.52 29.54
CA GLU B 20 16.73 4.74 30.97
C GLU B 20 16.42 6.21 31.30
N GLY B 21 15.65 6.89 30.42
CA GLY B 21 15.24 8.28 30.60
C GLY B 21 16.36 9.32 30.58
N LYS B 22 17.52 9.02 29.96
CA LYS B 22 18.63 9.96 29.86
C LYS B 22 18.68 10.68 28.51
N GLU B 23 18.38 9.99 27.40
CA GLU B 23 18.47 10.57 26.06
C GLU B 23 17.13 11.04 25.49
N ALA B 24 17.19 12.04 24.59
CA ALA B 24 16.03 12.59 23.91
C ALA B 24 15.81 11.79 22.62
N TYR B 25 14.55 11.52 22.26
CA TYR B 25 14.19 10.75 21.06
C TYR B 25 13.34 11.61 20.13
N VAL B 26 13.55 11.46 18.81
CA VAL B 26 12.83 12.22 17.78
C VAL B 26 11.95 11.30 16.95
N LEU B 27 10.75 11.78 16.56
CA LEU B 27 9.82 11.00 15.75
C LEU B 27 10.27 11.15 14.30
N VAL B 28 10.68 10.02 13.66
CA VAL B 28 11.18 10.02 12.28
C VAL B 28 10.24 9.34 11.27
N ARG B 29 9.30 8.50 11.72
CA ARG B 29 8.31 7.88 10.85
C ARG B 29 6.98 7.83 11.60
N SER B 30 5.87 8.04 10.90
CA SER B 30 4.55 7.95 11.50
C SER B 30 3.48 7.72 10.44
N THR B 31 2.55 6.80 10.71
CA THR B 31 1.44 6.53 9.80
C THR B 31 0.29 7.52 10.07
N ASP B 32 0.31 8.23 11.21
CA ASP B 32 -0.71 9.20 11.56
C ASP B 32 -0.59 10.43 10.63
N PRO B 33 -1.64 10.76 9.85
CA PRO B 33 -1.55 11.94 8.99
C PRO B 33 -1.47 13.27 9.78
N LYS B 34 -1.87 13.26 11.08
CA LYS B 34 -1.78 14.42 11.96
C LYS B 34 -0.52 14.32 12.88
N ALA B 35 0.56 13.65 12.42
CA ALA B 35 1.80 13.52 13.19
C ALA B 35 2.38 14.92 13.45
N ARG B 36 2.89 15.15 14.67
CA ARG B 36 3.38 16.45 15.09
C ARG B 36 4.70 16.78 14.39
N ASP B 37 4.80 17.93 13.71
CA ASP B 37 6.02 18.35 13.00
C ASP B 37 7.18 18.55 13.97
N CYS B 38 8.36 17.96 13.66
CA CYS B 38 9.58 18.09 14.47
C CYS B 38 9.42 17.57 15.90
N LEU B 39 8.58 16.54 16.11
CA LEU B 39 8.33 16.04 17.45
C LEU B 39 9.56 15.43 18.10
N LYS B 40 9.86 15.88 19.32
CA LYS B 40 10.99 15.40 20.12
C LYS B 40 10.54 15.27 21.56
N GLY B 41 10.83 14.12 22.20
CA GLY B 41 10.51 13.86 23.59
C GLY B 41 11.83 13.82 24.35
N GLU B 42 11.98 14.65 25.41
CA GLU B 42 13.23 14.71 26.18
C GLU B 42 12.98 14.56 27.68
N PRO B 43 14.02 14.25 28.49
CA PRO B 43 13.81 14.11 29.94
C PRO B 43 13.44 15.45 30.58
N ALA B 44 12.47 15.43 31.52
CA ALA B 44 11.99 16.61 32.23
C ALA B 44 11.85 16.32 33.73
N GLY B 45 12.81 15.57 34.31
CA GLY B 45 12.81 15.23 35.73
C GLY B 45 13.30 13.79 35.97
N GLU B 46 13.24 13.36 37.24
CA GLU B 46 13.69 12.03 37.68
C GLU B 46 12.56 11.01 37.48
N LYS B 47 12.93 9.72 37.34
CA LYS B 47 11.95 8.64 37.18
C LYS B 47 11.51 8.14 38.56
N GLN B 48 10.33 8.60 39.03
CA GLN B 48 9.78 8.21 40.33
C GLN B 48 8.92 6.95 40.16
N ASP B 49 9.36 5.82 40.75
CA ASP B 49 8.68 4.51 40.67
C ASP B 49 8.60 4.06 39.19
N ASN B 50 7.40 4.08 38.56
CA ASN B 50 7.24 3.72 37.15
C ASN B 50 6.79 4.93 36.31
N THR B 51 6.72 6.15 36.91
CA THR B 51 6.31 7.37 36.22
C THR B 51 7.55 8.16 35.77
N LEU B 52 7.57 8.61 34.51
CA LEU B 52 8.68 9.36 33.93
C LEU B 52 8.14 10.65 33.29
N PRO B 53 8.57 11.86 33.76
CA PRO B 53 8.10 13.10 33.12
C PRO B 53 8.82 13.31 31.77
N VAL B 54 8.07 13.65 30.71
CA VAL B 54 8.64 13.85 29.37
C VAL B 54 8.13 15.16 28.78
N MET B 55 9.05 16.03 28.32
CA MET B 55 8.70 17.30 27.69
C MET B 55 8.69 17.08 26.18
N MET B 56 7.55 17.31 25.53
CA MET B 56 7.41 17.16 24.08
C MET B 56 7.54 18.54 23.43
N THR B 57 8.35 18.67 22.36
CA THR B 57 8.53 19.92 21.62
C THR B 57 8.26 19.65 20.14
N PHE B 58 7.48 20.52 19.49
CA PHE B 58 7.07 20.38 18.09
C PHE B 58 6.68 21.74 17.49
N LYS B 59 6.33 21.77 16.18
CA LYS B 59 5.94 22.99 15.47
C LYS B 59 4.45 22.99 15.10
N ASN B 60 3.82 24.19 15.10
CA ASN B 60 2.40 24.34 14.75
C ASN B 60 2.02 25.82 14.49
N GLY B 61 1.94 26.31 13.23
CA GLY B 61 2.37 25.66 11.99
C GLY B 61 3.80 26.09 11.74
N THR B 62 4.03 27.42 11.77
CA THR B 62 5.34 28.05 11.61
C THR B 62 5.98 28.37 12.97
N ASP B 63 5.21 28.29 14.09
CA ASP B 63 5.67 28.60 15.45
C ASP B 63 5.96 27.34 16.25
N TRP B 64 6.96 27.40 17.17
CA TRP B 64 7.32 26.27 18.03
C TRP B 64 6.40 26.19 19.25
N ALA B 65 6.08 24.95 19.68
CA ALA B 65 5.21 24.68 20.83
C ALA B 65 5.88 23.69 21.79
N SER B 66 5.31 23.56 23.00
CA SER B 66 5.85 22.65 24.01
C SER B 66 4.75 22.18 24.99
N THR B 67 4.75 20.87 25.32
CA THR B 67 3.77 20.28 26.24
C THR B 67 4.47 19.29 27.18
N ASP B 68 4.00 19.22 28.44
CA ASP B 68 4.56 18.36 29.48
C ASP B 68 3.69 17.11 29.69
N TRP B 69 4.19 15.95 29.23
CA TRP B 69 3.49 14.67 29.36
C TRP B 69 4.11 13.81 30.47
N THR B 70 3.31 12.89 31.04
CA THR B 70 3.75 11.96 32.09
C THR B 70 3.62 10.54 31.53
N PHE B 71 4.74 9.80 31.45
CA PHE B 71 4.76 8.42 30.93
C PHE B 71 4.70 7.44 32.09
N THR B 72 3.73 6.49 32.06
CA THR B 72 3.63 5.42 33.05
C THR B 72 4.09 4.15 32.32
N LEU B 73 5.24 3.58 32.71
CA LEU B 73 5.82 2.42 32.06
C LEU B 73 5.43 1.10 32.72
N ASP B 74 5.19 0.06 31.91
CA ASP B 74 4.84 -1.28 32.38
C ASP B 74 5.36 -2.30 31.36
N GLY B 75 6.66 -2.65 31.46
CA GLY B 75 7.29 -3.57 30.52
C GLY B 75 7.42 -2.87 29.16
N ALA B 76 6.67 -3.36 28.16
CA ALA B 76 6.64 -2.78 26.81
C ALA B 76 5.55 -1.71 26.67
N LYS B 77 4.53 -1.70 27.57
CA LYS B 77 3.43 -0.73 27.51
C LYS B 77 3.85 0.65 28.02
N VAL B 78 3.33 1.72 27.39
CA VAL B 78 3.60 3.11 27.74
C VAL B 78 2.30 3.92 27.69
N THR B 79 1.82 4.40 28.85
CA THR B 79 0.62 5.22 28.96
C THR B 79 1.06 6.66 29.17
N ALA B 80 0.83 7.53 28.17
CA ALA B 80 1.22 8.94 28.21
C ALA B 80 -0.01 9.79 28.54
N THR B 81 0.09 10.70 29.54
CA THR B 81 -1.02 11.57 29.93
C THR B 81 -0.66 13.05 29.99
N LEU B 82 -1.61 13.91 29.59
CA LEU B 82 -1.51 15.38 29.63
C LEU B 82 -2.91 15.89 29.97
N GLY B 83 -3.13 16.34 31.20
CA GLY B 83 -4.45 16.79 31.65
C GLY B 83 -5.39 15.58 31.68
N ASN B 84 -6.45 15.61 30.86
CA ASN B 84 -7.42 14.52 30.75
C ASN B 84 -7.19 13.63 29.51
N LEU B 85 -6.18 13.94 28.69
CA LEU B 85 -5.88 13.13 27.51
C LEU B 85 -5.05 11.93 27.95
N THR B 86 -5.27 10.78 27.29
CA THR B 86 -4.52 9.56 27.56
C THR B 86 -4.22 8.89 26.22
N GLN B 87 -2.94 8.61 25.95
CA GLN B 87 -2.51 7.93 24.73
C GLN B 87 -1.78 6.66 25.14
N ASN B 88 -2.23 5.51 24.62
CA ASN B 88 -1.67 4.21 24.94
C ASN B 88 -0.76 3.74 23.82
N ARG B 89 0.46 3.30 24.18
CA ARG B 89 1.46 2.82 23.24
C ARG B 89 2.12 1.53 23.72
N GLU B 90 2.53 0.69 22.78
CA GLU B 90 3.28 -0.53 23.05
C GLU B 90 4.56 -0.44 22.23
N VAL B 91 5.73 -0.60 22.87
CA VAL B 91 7.01 -0.59 22.16
C VAL B 91 7.12 -2.00 21.56
N VAL B 92 6.74 -2.15 20.29
CA VAL B 92 6.72 -3.46 19.61
C VAL B 92 8.09 -3.95 19.12
N TYR B 93 9.05 -3.03 18.92
CA TYR B 93 10.39 -3.38 18.47
C TYR B 93 11.37 -2.34 18.99
N ASP B 94 12.56 -2.78 19.44
CA ASP B 94 13.62 -1.91 19.94
C ASP B 94 14.95 -2.49 19.48
N SER B 95 15.85 -1.64 18.96
CA SER B 95 17.15 -2.12 18.46
C SER B 95 18.08 -2.60 19.59
N GLN B 96 19.17 -3.31 19.22
CA GLN B 96 20.14 -3.88 20.16
C GLN B 96 20.74 -2.87 21.15
N SER B 97 21.16 -1.69 20.67
CA SER B 97 21.78 -0.64 21.51
C SER B 97 20.80 0.46 21.94
N HIS B 98 19.48 0.24 21.77
CA HIS B 98 18.43 1.21 22.16
C HIS B 98 18.58 2.55 21.43
N HIS B 99 19.03 2.50 20.17
CA HIS B 99 19.20 3.68 19.33
C HIS B 99 17.89 4.06 18.67
N CYS B 100 16.98 3.10 18.47
CA CYS B 100 15.67 3.36 17.89
C CYS B 100 14.68 2.29 18.28
N HIS B 101 13.40 2.60 18.13
CA HIS B 101 12.33 1.69 18.43
C HIS B 101 11.08 2.04 17.65
N VAL B 102 10.16 1.07 17.53
CA VAL B 102 8.90 1.23 16.80
C VAL B 102 7.77 1.03 17.79
N ASP B 103 6.79 1.95 17.79
CA ASP B 103 5.63 1.89 18.67
C ASP B 103 4.37 1.62 17.89
N LYS B 104 3.38 1.00 18.56
CA LYS B 104 2.05 0.79 18.04
C LYS B 104 1.17 1.69 18.91
N VAL B 105 0.61 2.76 18.32
CA VAL B 105 -0.24 3.69 19.06
C VAL B 105 -1.60 2.99 19.20
N GLU B 106 -1.89 2.47 20.40
CA GLU B 106 -3.11 1.69 20.67
C GLU B 106 -4.35 2.57 20.74
N LYS B 107 -5.20 2.49 19.71
CA LYS B 107 -6.47 3.24 19.63
C LYS B 107 -7.40 2.55 18.61
N GLU B 108 -8.67 3.02 18.50
CA GLU B 108 -9.68 2.44 17.58
C GLU B 108 -9.13 2.02 16.21
N VAL B 109 -8.25 2.85 15.62
CA VAL B 109 -7.54 2.56 14.37
C VAL B 109 -6.03 2.75 14.69
N PRO B 110 -5.28 1.65 14.92
CA PRO B 110 -3.87 1.79 15.33
C PRO B 110 -2.94 2.48 14.34
N ASP B 111 -1.98 3.27 14.87
CA ASP B 111 -0.94 3.93 14.08
C ASP B 111 0.41 3.37 14.51
N TYR B 112 1.42 3.48 13.66
CA TYR B 112 2.77 3.01 13.95
C TYR B 112 3.75 4.16 13.85
N GLU B 113 4.69 4.24 14.80
CA GLU B 113 5.67 5.32 14.86
C GLU B 113 7.09 4.77 15.02
N MET B 114 8.08 5.45 14.43
CA MET B 114 9.49 5.11 14.62
C MET B 114 10.13 6.27 15.36
N TRP B 115 10.75 5.97 16.49
CA TRP B 115 11.46 6.97 17.30
C TRP B 115 12.93 6.60 17.32
N MET B 116 13.83 7.58 17.25
CA MET B 116 15.27 7.35 17.31
C MET B 116 15.97 8.44 18.10
N LEU B 117 17.19 8.16 18.58
CA LEU B 117 17.99 9.12 19.34
C LEU B 117 18.19 10.43 18.57
N ASP B 118 18.09 11.56 19.28
CA ASP B 118 18.30 12.89 18.69
C ASP B 118 19.77 13.07 18.26
N ALA B 119 20.71 12.39 18.95
CA ALA B 119 22.14 12.44 18.64
C ALA B 119 22.57 11.33 17.65
N GLY B 120 21.64 10.76 16.86
CA GLY B 120 21.95 9.73 15.87
C GLY B 120 22.20 8.35 16.48
N GLY B 121 22.40 7.35 15.62
CA GLY B 121 22.66 5.97 16.04
C GLY B 121 23.38 5.17 14.95
N LEU B 122 23.57 3.86 15.18
CA LEU B 122 24.24 2.98 14.22
C LEU B 122 23.32 2.77 13.02
N GLU B 123 23.80 3.09 11.80
CA GLU B 123 23.01 2.99 10.57
C GLU B 123 22.29 1.65 10.41
N VAL B 124 22.98 0.53 10.70
CA VAL B 124 22.39 -0.81 10.60
C VAL B 124 21.17 -0.96 11.52
N GLU B 125 21.25 -0.43 12.76
CA GLU B 125 20.15 -0.49 13.72
C GLU B 125 18.99 0.41 13.32
N VAL B 126 19.28 1.63 12.84
CA VAL B 126 18.24 2.59 12.42
C VAL B 126 17.54 2.02 11.17
N GLU B 127 18.29 1.37 10.27
CA GLU B 127 17.68 0.75 9.08
C GLU B 127 16.76 -0.41 9.48
N CYS B 128 17.11 -1.18 10.53
CA CYS B 128 16.26 -2.28 11.00
C CYS B 128 14.93 -1.74 11.55
N CYS B 129 14.97 -0.58 12.24
CA CYS B 129 13.76 0.07 12.76
C CYS B 129 12.87 0.54 11.59
N ARG B 130 13.48 1.10 10.54
CA ARG B 130 12.75 1.56 9.34
C ARG B 130 12.06 0.39 8.63
N GLN B 131 12.73 -0.79 8.58
CA GLN B 131 12.20 -2.01 7.96
C GLN B 131 11.01 -2.54 8.79
N LYS B 132 11.15 -2.57 10.12
CA LYS B 132 10.08 -3.05 11.02
C LYS B 132 8.85 -2.15 10.91
N LEU B 133 9.07 -0.82 10.80
CA LEU B 133 7.99 0.16 10.64
C LEU B 133 7.30 -0.08 9.30
N GLU B 134 8.09 -0.24 8.22
CA GLU B 134 7.60 -0.52 6.87
C GLU B 134 6.67 -1.75 6.86
N GLU B 135 7.13 -2.85 7.48
CA GLU B 135 6.39 -4.11 7.56
C GLU B 135 5.04 -3.94 8.27
N LEU B 136 5.06 -3.35 9.47
CA LEU B 136 3.84 -3.15 10.27
C LEU B 136 2.88 -2.16 9.63
N ALA B 137 3.39 -1.16 8.89
CA ALA B 137 2.59 -0.13 8.24
C ALA B 137 2.33 -0.45 6.74
N SER B 138 2.23 -1.74 6.35
CA SER B 138 1.99 -2.11 4.95
C SER B 138 0.70 -1.49 4.42
N GLY B 139 0.79 -0.80 3.26
CA GLY B 139 -0.35 -0.15 2.63
C GLY B 139 -0.74 1.17 3.30
N ARG B 140 0.20 1.83 4.01
CA ARG B 140 -0.05 3.10 4.68
C ARG B 140 1.10 4.05 4.41
N ASN B 141 0.80 5.33 4.14
CA ASN B 141 1.85 6.34 3.89
C ASN B 141 2.58 6.59 5.20
N GLN B 142 3.88 6.87 5.11
CA GLN B 142 4.72 7.16 6.26
C GLN B 142 5.10 8.62 6.21
N MET B 143 4.74 9.37 7.24
CA MET B 143 5.09 10.78 7.36
C MET B 143 6.53 10.81 7.87
N TYR B 144 7.28 11.88 7.52
CA TYR B 144 8.66 12.09 7.94
C TYR B 144 8.63 13.42 8.73
N PRO B 145 8.14 13.42 10.00
CA PRO B 145 7.98 14.66 10.77
C PRO B 145 9.26 15.47 11.02
N HIS B 146 10.43 14.82 11.08
CA HIS B 146 11.71 15.48 11.28
C HIS B 146 12.20 16.28 10.05
N LEU B 147 11.54 16.15 8.88
CA LEU B 147 11.88 16.91 7.66
C LEU B 147 10.81 17.97 7.37
N LYS B 148 10.34 18.68 8.41
CA LYS B 148 9.32 19.73 8.29
C LYS B 148 9.96 21.09 8.66
N ASP B 149 11.15 21.37 8.08
CA ASP B 149 11.94 22.59 8.32
C ASP B 149 12.19 22.76 9.83
N CYS B 150 12.78 21.71 10.43
CA CYS B 150 13.08 21.63 11.86
C CYS B 150 14.43 22.27 12.19
N ASP C 5 -13.62 0.45 -22.95
CA ASP C 5 -13.04 -0.25 -21.79
C ASP C 5 -13.67 0.29 -20.50
N CYS C 6 -13.11 1.38 -19.90
CA CYS C 6 -13.63 1.99 -18.68
C CYS C 6 -13.66 3.52 -18.87
N THR C 7 -14.39 3.97 -19.89
CA THR C 7 -14.52 5.40 -20.18
C THR C 7 -15.74 5.90 -19.40
N GLY C 8 -15.52 6.85 -18.48
CA GLY C 8 -16.59 7.41 -17.66
C GLY C 8 -17.25 8.61 -18.34
N SER C 9 -18.14 9.30 -17.61
CA SER C 9 -18.83 10.50 -18.11
C SER C 9 -17.82 11.65 -18.18
N GLU C 10 -17.78 12.35 -19.33
CA GLU C 10 -16.86 13.48 -19.53
C GLU C 10 -17.60 14.66 -20.20
N PRO C 11 -17.45 15.91 -19.69
CA PRO C 11 -16.69 16.31 -18.51
C PRO C 11 -17.41 15.86 -17.25
N VAL C 12 -16.65 15.61 -16.18
CA VAL C 12 -17.23 15.14 -14.92
C VAL C 12 -17.97 16.29 -14.25
N ASP C 13 -19.23 16.06 -13.87
CA ASP C 13 -20.09 17.04 -13.21
C ASP C 13 -20.64 16.39 -11.94
N ALA C 14 -20.43 17.03 -10.77
CA ALA C 14 -20.88 16.50 -9.48
C ALA C 14 -22.39 16.31 -9.38
N PHE C 15 -23.18 17.30 -9.86
CA PHE C 15 -24.64 17.21 -9.83
C PHE C 15 -25.14 16.04 -10.69
N GLN C 16 -24.52 15.85 -11.87
CA GLN C 16 -24.86 14.75 -12.77
C GLN C 16 -24.42 13.41 -12.15
N ALA C 17 -23.24 13.40 -11.47
CA ALA C 17 -22.72 12.20 -10.80
C ALA C 17 -23.59 11.72 -9.63
N PHE C 18 -24.36 12.63 -8.99
CA PHE C 18 -25.25 12.27 -7.88
C PHE C 18 -26.71 12.09 -8.33
N SER C 19 -26.94 11.68 -9.61
CA SER C 19 -28.28 11.49 -10.19
C SER C 19 -29.19 12.73 -9.99
N GLU C 20 -28.60 13.94 -10.08
CA GLU C 20 -29.28 15.22 -9.91
C GLU C 20 -30.00 15.35 -8.54
N GLY C 21 -29.36 14.84 -7.47
CA GLY C 21 -29.88 14.91 -6.11
C GLY C 21 -31.12 14.05 -5.84
N LYS C 22 -31.38 13.01 -6.65
CA LYS C 22 -32.56 12.14 -6.49
C LYS C 22 -32.27 10.77 -5.84
N GLU C 23 -31.00 10.31 -5.81
CA GLU C 23 -30.66 8.99 -5.28
C GLU C 23 -29.69 9.03 -4.11
N ALA C 24 -29.74 7.99 -3.25
CA ALA C 24 -28.85 7.85 -2.10
C ALA C 24 -27.60 7.07 -2.48
N TYR C 25 -26.41 7.57 -2.12
CA TYR C 25 -25.13 6.93 -2.42
C TYR C 25 -24.46 6.40 -1.15
N VAL C 26 -23.76 5.26 -1.27
CA VAL C 26 -23.07 4.61 -0.16
C VAL C 26 -21.55 4.59 -0.40
N LEU C 27 -20.76 4.84 0.65
CA LEU C 27 -19.29 4.83 0.56
C LEU C 27 -18.84 3.38 0.61
N VAL C 28 -18.26 2.89 -0.51
CA VAL C 28 -17.81 1.49 -0.63
C VAL C 28 -16.30 1.30 -0.61
N ARG C 29 -15.51 2.34 -0.90
CA ARG C 29 -14.05 2.28 -0.81
C ARG C 29 -13.55 3.58 -0.23
N SER C 30 -12.48 3.53 0.58
CA SER C 30 -11.88 4.72 1.15
C SER C 30 -10.46 4.45 1.60
N THR C 31 -9.52 5.33 1.26
CA THR C 31 -8.13 5.20 1.71
C THR C 31 -7.96 5.82 3.11
N ASP C 32 -8.97 6.56 3.61
CA ASP C 32 -8.92 7.19 4.93
C ASP C 32 -9.11 6.11 6.01
N PRO C 33 -8.16 5.97 6.97
CA PRO C 33 -8.34 4.97 8.05
C PRO C 33 -9.53 5.29 8.96
N LYS C 34 -9.90 6.58 9.10
CA LYS C 34 -11.04 7.03 9.91
C LYS C 34 -12.34 7.17 9.10
N ALA C 35 -12.52 6.36 8.02
CA ALA C 35 -13.74 6.41 7.21
C ALA C 35 -14.93 5.96 8.06
N ARG C 36 -16.05 6.70 7.97
CA ARG C 36 -17.24 6.42 8.77
C ARG C 36 -17.86 5.08 8.36
N ASP C 37 -18.11 4.18 9.33
CA ASP C 37 -18.69 2.85 9.07
C ASP C 37 -20.14 2.97 8.60
N CYS C 38 -20.50 2.27 7.51
CA CYS C 38 -21.85 2.26 6.92
C CYS C 38 -22.29 3.66 6.48
N LEU C 39 -21.37 4.48 5.94
CA LEU C 39 -21.70 5.84 5.54
C LEU C 39 -22.59 5.88 4.30
N LYS C 40 -23.74 6.56 4.42
CA LYS C 40 -24.71 6.72 3.34
C LYS C 40 -25.15 8.18 3.28
N GLY C 41 -25.06 8.81 2.10
CA GLY C 41 -25.48 10.19 1.89
C GLY C 41 -26.74 10.15 1.05
N GLU C 42 -27.86 10.73 1.55
CA GLU C 42 -29.14 10.73 0.83
C GLU C 42 -29.76 12.13 0.75
N PRO C 43 -30.72 12.36 -0.18
CA PRO C 43 -31.35 13.69 -0.28
C PRO C 43 -32.26 14.01 0.91
N ALA C 44 -32.14 15.24 1.46
CA ALA C 44 -32.98 15.70 2.57
C ALA C 44 -33.07 17.26 2.60
N GLY C 45 -33.66 17.90 1.56
CA GLY C 45 -34.27 17.30 0.38
C GLY C 45 -34.10 18.18 -0.87
N GLU C 46 -34.82 19.31 -0.91
CA GLU C 46 -34.81 20.22 -2.06
C GLU C 46 -33.48 20.98 -2.21
N LYS C 47 -33.02 21.14 -3.47
CA LYS C 47 -31.79 21.84 -3.84
C LYS C 47 -32.11 23.31 -4.10
N GLN C 48 -31.30 24.25 -3.57
CA GLN C 48 -31.48 25.69 -3.79
C GLN C 48 -30.23 26.32 -4.42
N ASP C 49 -30.39 26.87 -5.65
CA ASP C 49 -29.34 27.50 -6.46
C ASP C 49 -28.17 26.52 -6.72
N ASN C 50 -27.05 26.61 -5.96
CA ASN C 50 -25.90 25.70 -6.11
C ASN C 50 -25.65 24.87 -4.83
N THR C 51 -26.51 24.99 -3.80
CA THR C 51 -26.39 24.27 -2.53
C THR C 51 -27.38 23.08 -2.50
N LEU C 52 -26.92 21.89 -2.09
CA LEU C 52 -27.72 20.66 -2.03
C LEU C 52 -27.62 20.07 -0.61
N PRO C 53 -28.74 19.99 0.17
CA PRO C 53 -28.65 19.42 1.52
C PRO C 53 -28.56 17.88 1.46
N VAL C 54 -27.66 17.30 2.27
CA VAL C 54 -27.43 15.86 2.31
C VAL C 54 -27.47 15.35 3.76
N MET C 55 -28.29 14.32 4.03
CA MET C 55 -28.39 13.69 5.35
C MET C 55 -27.44 12.49 5.35
N MET C 56 -26.37 12.55 6.14
CA MET C 56 -25.40 11.46 6.25
C MET C 56 -25.78 10.58 7.43
N THR C 57 -25.77 9.25 7.26
CA THR C 57 -26.06 8.29 8.33
C THR C 57 -24.93 7.29 8.40
N PHE C 58 -24.47 6.95 9.62
CA PHE C 58 -23.35 6.04 9.82
C PHE C 58 -23.33 5.42 11.23
N LYS C 59 -22.48 4.41 11.44
CA LYS C 59 -22.30 3.73 12.73
C LYS C 59 -21.00 4.22 13.38
N ASN C 60 -21.03 4.47 14.71
CA ASN C 60 -19.87 4.95 15.46
C ASN C 60 -20.07 4.70 16.98
N GLY C 61 -19.83 3.48 17.51
CA GLY C 61 -19.41 2.26 16.82
C GLY C 61 -20.55 1.25 16.71
N THR C 62 -21.19 0.91 17.84
CA THR C 62 -22.31 -0.04 17.89
C THR C 62 -23.64 0.61 17.46
N ASP C 63 -23.90 1.86 17.91
CA ASP C 63 -25.15 2.58 17.62
C ASP C 63 -25.04 3.41 16.35
N TRP C 64 -26.20 3.75 15.75
CA TRP C 64 -26.28 4.57 14.55
C TRP C 64 -26.34 6.05 14.91
N ALA C 65 -25.84 6.91 14.01
CA ALA C 65 -25.83 8.37 14.19
C ALA C 65 -26.25 9.05 12.88
N SER C 66 -26.49 10.38 12.94
CA SER C 66 -26.89 11.14 11.76
C SER C 66 -26.49 12.62 11.86
N THR C 67 -26.05 13.21 10.74
CA THR C 67 -25.63 14.61 10.65
C THR C 67 -26.14 15.23 9.33
N ASP C 68 -26.54 16.51 9.36
CA ASP C 68 -27.08 17.21 8.20
C ASP C 68 -26.03 18.12 7.54
N TRP C 69 -25.48 17.67 6.39
CA TRP C 69 -24.47 18.41 5.63
C TRP C 69 -25.08 19.24 4.51
N THR C 70 -24.31 20.22 4.00
CA THR C 70 -24.72 21.11 2.91
C THR C 70 -23.62 21.10 1.84
N PHE C 71 -23.92 20.51 0.66
CA PHE C 71 -22.96 20.42 -0.45
C PHE C 71 -23.09 21.65 -1.36
N THR C 72 -21.97 22.35 -1.64
CA THR C 72 -21.94 23.49 -2.56
C THR C 72 -21.23 22.98 -3.82
N LEU C 73 -21.97 22.81 -4.92
CA LEU C 73 -21.44 22.27 -6.18
C LEU C 73 -20.92 23.34 -7.13
N ASP C 74 -19.88 22.98 -7.90
CA ASP C 74 -19.28 23.86 -8.90
C ASP C 74 -18.49 23.00 -9.90
N GLY C 75 -19.19 22.48 -10.92
CA GLY C 75 -18.58 21.60 -11.92
C GLY C 75 -18.27 20.25 -11.25
N ALA C 76 -16.99 19.84 -11.28
CA ALA C 76 -16.55 18.59 -10.64
C ALA C 76 -16.24 18.77 -9.15
N LYS C 77 -16.04 20.02 -8.68
CA LYS C 77 -15.71 20.29 -7.28
C LYS C 77 -16.93 20.28 -6.36
N VAL C 78 -16.75 19.77 -5.12
CA VAL C 78 -17.81 19.64 -4.11
C VAL C 78 -17.28 20.08 -2.73
N THR C 79 -17.84 21.18 -2.18
CA THR C 79 -17.47 21.69 -0.86
C THR C 79 -18.60 21.34 0.10
N ALA C 80 -18.36 20.39 1.04
CA ALA C 80 -19.34 19.95 2.02
C ALA C 80 -19.11 20.66 3.35
N THR C 81 -20.18 21.21 3.96
CA THR C 81 -20.09 21.94 5.24
C THR C 81 -21.10 21.47 6.29
N LEU C 82 -20.69 21.50 7.57
CA LEU C 82 -21.51 21.14 8.73
C LEU C 82 -21.13 22.12 9.86
N GLY C 83 -21.87 23.23 9.96
CA GLY C 83 -21.58 24.26 10.95
C GLY C 83 -20.32 25.01 10.50
N ASN C 84 -19.23 24.95 11.28
CA ASN C 84 -17.96 25.57 10.94
C ASN C 84 -17.00 24.56 10.24
N LEU C 85 -17.34 23.26 10.24
CA LEU C 85 -16.50 22.24 9.59
C LEU C 85 -16.64 22.35 8.08
N THR C 86 -15.55 22.09 7.34
CA THR C 86 -15.53 22.15 5.86
C THR C 86 -14.66 21.03 5.29
N GLN C 87 -15.22 20.25 4.34
CA GLN C 87 -14.49 19.17 3.65
C GLN C 87 -14.60 19.42 2.15
N ASN C 88 -13.45 19.52 1.46
CA ASN C 88 -13.40 19.77 0.02
C ASN C 88 -13.14 18.49 -0.75
N ARG C 89 -13.91 18.27 -1.84
CA ARG C 89 -13.80 17.07 -2.68
C ARG C 89 -13.89 17.42 -4.16
N GLU C 90 -13.30 16.57 -5.00
CA GLU C 90 -13.35 16.69 -6.46
C GLU C 90 -13.75 15.33 -7.02
N VAL C 91 -14.80 15.28 -7.85
CA VAL C 91 -15.24 14.04 -8.47
C VAL C 91 -14.30 13.84 -9.66
N VAL C 92 -13.29 12.96 -9.49
CA VAL C 92 -12.26 12.71 -10.52
C VAL C 92 -12.69 11.71 -11.61
N TYR C 93 -13.72 10.91 -11.34
CA TYR C 93 -14.25 9.93 -12.30
C TYR C 93 -15.70 9.64 -11.95
N ASP C 94 -16.55 9.52 -12.97
CA ASP C 94 -17.97 9.21 -12.82
C ASP C 94 -18.35 8.23 -13.92
N SER C 95 -19.10 7.16 -13.59
CA SER C 95 -19.46 6.15 -14.59
C SER C 95 -20.47 6.67 -15.62
N GLN C 96 -20.70 5.88 -16.70
CA GLN C 96 -21.58 6.24 -17.82
C GLN C 96 -23.03 6.56 -17.39
N SER C 97 -23.63 5.73 -16.52
CA SER C 97 -25.00 5.91 -16.05
C SER C 97 -25.10 6.57 -14.67
N HIS C 98 -23.99 7.14 -14.16
CA HIS C 98 -23.92 7.82 -12.86
C HIS C 98 -24.29 6.86 -11.71
N HIS C 99 -23.90 5.59 -11.86
CA HIS C 99 -24.14 4.55 -10.86
C HIS C 99 -23.06 4.59 -9.79
N CYS C 100 -21.86 5.08 -10.14
CA CYS C 100 -20.75 5.21 -9.19
C CYS C 100 -19.78 6.28 -9.63
N HIS C 101 -18.99 6.76 -8.67
CA HIS C 101 -17.98 7.78 -8.94
C HIS C 101 -16.84 7.71 -7.92
N VAL C 102 -15.69 8.29 -8.27
CA VAL C 102 -14.50 8.30 -7.42
C VAL C 102 -14.18 9.74 -7.05
N ASP C 103 -13.99 10.01 -5.75
CA ASP C 103 -13.67 11.35 -5.26
C ASP C 103 -12.26 11.43 -4.74
N LYS C 104 -11.67 12.64 -4.83
CA LYS C 104 -10.36 12.94 -4.26
C LYS C 104 -10.69 13.87 -3.09
N VAL C 105 -10.43 13.43 -1.85
CA VAL C 105 -10.69 14.24 -0.66
C VAL C 105 -9.49 15.19 -0.56
N GLU C 106 -9.70 16.48 -0.86
CA GLU C 106 -8.64 17.49 -0.88
C GLU C 106 -8.17 17.87 0.51
N LYS C 107 -6.90 17.55 0.82
CA LYS C 107 -6.26 17.89 2.10
C LYS C 107 -4.74 17.69 1.99
N GLU C 108 -3.97 18.09 3.03
CA GLU C 108 -2.50 17.99 3.07
C GLU C 108 -1.98 16.65 2.50
N VAL C 109 -2.62 15.55 2.92
CA VAL C 109 -2.33 14.19 2.44
C VAL C 109 -3.67 13.66 1.90
N PRO C 110 -3.98 13.89 0.60
CA PRO C 110 -5.29 13.51 0.05
C PRO C 110 -5.69 12.04 0.18
N ASP C 111 -7.00 11.81 0.29
CA ASP C 111 -7.58 10.48 0.35
C ASP C 111 -8.47 10.28 -0.87
N TYR C 112 -8.75 9.03 -1.23
CA TYR C 112 -9.60 8.70 -2.37
C TYR C 112 -10.75 7.83 -1.91
N GLU C 113 -11.96 8.12 -2.42
CA GLU C 113 -13.18 7.40 -2.05
C GLU C 113 -13.96 6.94 -3.26
N MET C 114 -14.70 5.82 -3.14
CA MET C 114 -15.61 5.34 -4.18
C MET C 114 -16.99 5.38 -3.59
N TRP C 115 -17.92 6.05 -4.28
CA TRP C 115 -19.32 6.12 -3.88
C TRP C 115 -20.14 5.46 -4.98
N MET C 116 -21.18 4.70 -4.60
CA MET C 116 -22.08 4.06 -5.56
C MET C 116 -23.51 4.14 -5.05
N LEU C 117 -24.49 3.98 -5.95
CA LEU C 117 -25.91 4.02 -5.58
C LEU C 117 -26.23 3.00 -4.50
N ASP C 118 -27.13 3.36 -3.57
CA ASP C 118 -27.55 2.45 -2.50
C ASP C 118 -28.30 1.24 -3.09
N ALA C 119 -29.01 1.45 -4.22
CA ALA C 119 -29.74 0.39 -4.92
C ALA C 119 -28.87 -0.42 -5.90
N GLY C 120 -27.54 -0.16 -5.98
CA GLY C 120 -26.63 -0.87 -6.87
C GLY C 120 -26.68 -0.30 -8.30
N GLY C 121 -25.95 -0.93 -9.22
CA GLY C 121 -25.92 -0.50 -10.62
C GLY C 121 -25.36 -1.58 -11.54
N LEU C 122 -24.94 -1.18 -12.76
CA LEU C 122 -24.38 -2.10 -13.75
C LEU C 122 -23.02 -2.60 -13.26
N GLU C 123 -22.84 -3.93 -13.15
CA GLU C 123 -21.58 -4.54 -12.67
C GLU C 123 -20.34 -4.01 -13.40
N VAL C 124 -20.42 -3.84 -14.74
CA VAL C 124 -19.29 -3.33 -15.53
C VAL C 124 -18.89 -1.91 -15.09
N GLU C 125 -19.87 -1.04 -14.82
CA GLU C 125 -19.62 0.33 -14.38
C GLU C 125 -19.07 0.39 -12.96
N VAL C 126 -19.64 -0.40 -12.04
CA VAL C 126 -19.18 -0.46 -10.64
C VAL C 126 -17.75 -1.04 -10.63
N GLU C 127 -17.46 -2.00 -11.51
CA GLU C 127 -16.12 -2.58 -11.61
C GLU C 127 -15.10 -1.54 -12.11
N CYS C 128 -15.49 -0.67 -13.06
CA CYS C 128 -14.61 0.38 -13.56
C CYS C 128 -14.30 1.41 -12.46
N CYS C 129 -15.28 1.71 -11.58
CA CYS C 129 -15.07 2.63 -10.45
C CYS C 129 -14.06 2.04 -9.47
N ARG C 130 -14.16 0.72 -9.20
CA ARG C 130 -13.23 0.02 -8.31
C ARG C 130 -11.80 0.07 -8.85
N GLN C 131 -11.62 -0.12 -10.19
CA GLN C 131 -10.30 -0.08 -10.83
C GLN C 131 -9.71 1.34 -10.77
N LYS C 132 -10.54 2.38 -10.96
CA LYS C 132 -10.08 3.76 -10.90
C LYS C 132 -9.65 4.11 -9.46
N LEU C 133 -10.37 3.59 -8.45
CA LEU C 133 -10.01 3.80 -7.05
C LEU C 133 -8.70 3.09 -6.78
N GLU C 134 -8.55 1.84 -7.28
CA GLU C 134 -7.32 1.04 -7.17
C GLU C 134 -6.12 1.81 -7.72
N GLU C 135 -6.29 2.43 -8.91
CA GLU C 135 -5.25 3.21 -9.58
C GLU C 135 -4.81 4.41 -8.73
N LEU C 136 -5.77 5.22 -8.29
CA LEU C 136 -5.50 6.40 -7.49
C LEU C 136 -5.04 6.08 -6.06
N ALA C 137 -5.49 4.94 -5.49
CA ALA C 137 -5.05 4.52 -4.15
C ALA C 137 -3.55 4.20 -4.11
N SER C 138 -2.98 3.71 -5.24
CA SER C 138 -1.55 3.40 -5.42
C SER C 138 -0.91 2.67 -4.22
N GLY C 139 -1.44 1.48 -3.92
CA GLY C 139 -0.95 0.64 -2.83
C GLY C 139 -1.56 0.92 -1.45
N ARG C 140 -2.18 2.09 -1.24
CA ARG C 140 -2.74 2.43 0.07
C ARG C 140 -3.96 1.54 0.37
N ASN C 141 -4.08 1.07 1.62
CA ASN C 141 -5.17 0.17 2.02
C ASN C 141 -6.54 0.79 1.78
N GLN C 142 -7.44 0.01 1.16
CA GLN C 142 -8.79 0.44 0.83
C GLN C 142 -9.74 -0.11 1.87
N MET C 143 -10.39 0.76 2.65
CA MET C 143 -11.37 0.37 3.66
C MET C 143 -12.66 0.06 2.92
N TYR C 144 -13.50 -0.83 3.48
CA TYR C 144 -14.80 -1.22 2.90
C TYR C 144 -15.85 -0.86 3.97
N PRO C 145 -16.27 0.43 4.07
CA PRO C 145 -17.21 0.82 5.13
C PRO C 145 -18.57 0.13 5.12
N HIS C 146 -19.06 -0.28 3.94
CA HIS C 146 -20.35 -0.97 3.83
C HIS C 146 -20.35 -2.42 4.34
N LEU C 147 -19.17 -3.00 4.67
CA LEU C 147 -19.06 -4.34 5.23
C LEU C 147 -18.69 -4.28 6.73
N LYS C 148 -19.22 -3.27 7.46
CA LYS C 148 -18.96 -3.09 8.89
C LYS C 148 -20.25 -3.38 9.67
N ASP C 149 -20.85 -4.57 9.44
CA ASP C 149 -22.09 -5.04 10.08
C ASP C 149 -23.24 -4.03 9.89
N CYS C 150 -23.42 -3.58 8.65
CA CYS C 150 -24.45 -2.60 8.27
C CYS C 150 -25.83 -3.25 8.10
N ASP D 5 -21.18 -9.04 7.15
CA ASP D 5 -20.64 -10.35 7.48
C ASP D 5 -20.06 -11.02 6.23
N CYS D 6 -18.84 -11.56 6.33
CA CYS D 6 -18.15 -12.21 5.21
C CYS D 6 -17.56 -13.57 5.62
N THR D 7 -18.35 -14.39 6.32
CA THR D 7 -17.91 -15.74 6.70
C THR D 7 -18.10 -16.62 5.48
N GLY D 8 -17.01 -17.20 4.96
CA GLY D 8 -17.05 -18.04 3.77
C GLY D 8 -17.29 -19.51 4.07
N SER D 9 -17.14 -20.36 3.04
CA SER D 9 -17.29 -21.82 3.18
C SER D 9 -16.11 -22.34 3.99
N GLU D 10 -16.38 -23.00 5.13
CA GLU D 10 -15.34 -23.50 6.03
C GLU D 10 -15.57 -24.96 6.39
N PRO D 11 -14.53 -25.83 6.36
CA PRO D 11 -13.14 -25.57 5.96
C PRO D 11 -13.04 -25.31 4.46
N VAL D 12 -12.01 -24.57 4.05
CA VAL D 12 -11.81 -24.22 2.64
C VAL D 12 -11.34 -25.47 1.89
N ASP D 13 -12.00 -25.76 0.75
CA ASP D 13 -11.68 -26.92 -0.09
C ASP D 13 -11.68 -26.46 -1.56
N ALA D 14 -10.66 -26.87 -2.33
CA ALA D 14 -10.52 -26.48 -3.73
C ALA D 14 -11.61 -27.05 -4.63
N PHE D 15 -11.93 -28.36 -4.49
CA PHE D 15 -12.96 -28.99 -5.30
C PHE D 15 -14.34 -28.33 -5.10
N GLN D 16 -14.68 -27.97 -3.85
CA GLN D 16 -15.94 -27.29 -3.56
C GLN D 16 -15.90 -25.85 -4.06
N ALA D 17 -14.73 -25.16 -3.93
CA ALA D 17 -14.56 -23.80 -4.42
C ALA D 17 -14.72 -23.67 -5.94
N PHE D 18 -14.48 -24.77 -6.70
CA PHE D 18 -14.64 -24.80 -8.15
C PHE D 18 -16.01 -25.38 -8.57
N SER D 19 -17.01 -25.38 -7.66
CA SER D 19 -18.35 -25.94 -7.93
C SER D 19 -18.28 -27.40 -8.42
N GLU D 20 -17.34 -28.18 -7.84
CA GLU D 20 -17.12 -29.60 -8.17
C GLU D 20 -16.80 -29.86 -9.65
N GLY D 21 -15.95 -29.00 -10.25
CA GLY D 21 -15.52 -29.12 -11.63
C GLY D 21 -16.63 -28.93 -12.68
N LYS D 22 -17.72 -28.19 -12.36
CA LYS D 22 -18.84 -27.97 -13.27
C LYS D 22 -18.98 -26.53 -13.80
N GLU D 23 -18.15 -25.58 -13.35
CA GLU D 23 -18.26 -24.18 -13.78
C GLU D 23 -16.94 -23.56 -14.21
N ALA D 24 -17.03 -22.54 -15.07
CA ALA D 24 -15.87 -21.79 -15.54
C ALA D 24 -15.61 -20.61 -14.60
N TYR D 25 -14.35 -20.40 -14.22
CA TYR D 25 -13.96 -19.30 -13.34
C TYR D 25 -13.03 -18.33 -14.06
N VAL D 26 -13.21 -17.02 -13.81
CA VAL D 26 -12.43 -15.96 -14.45
C VAL D 26 -11.55 -15.23 -13.42
N LEU D 27 -10.30 -14.90 -13.79
CA LEU D 27 -9.37 -14.19 -12.90
C LEU D 27 -9.73 -12.69 -12.93
N VAL D 28 -10.16 -12.14 -11.78
CA VAL D 28 -10.59 -10.73 -11.67
C VAL D 28 -9.67 -9.84 -10.84
N ARG D 29 -8.84 -10.40 -9.95
CA ARG D 29 -7.84 -9.64 -9.20
C ARG D 29 -6.57 -10.47 -9.16
N SER D 30 -5.42 -9.80 -9.23
CA SER D 30 -4.14 -10.48 -9.14
C SER D 30 -3.03 -9.51 -8.74
N THR D 31 -2.16 -9.92 -7.81
CA THR D 31 -1.04 -9.10 -7.38
C THR D 31 0.17 -9.30 -8.31
N ASP D 32 0.14 -10.32 -9.18
CA ASP D 32 1.24 -10.60 -10.11
C ASP D 32 1.17 -9.58 -11.27
N PRO D 33 2.25 -8.78 -11.51
CA PRO D 33 2.22 -7.85 -12.64
C PRO D 33 2.20 -8.57 -14.00
N LYS D 34 2.71 -9.83 -14.05
CA LYS D 34 2.71 -10.65 -15.26
C LYS D 34 1.46 -11.56 -15.34
N ALA D 35 0.32 -11.15 -14.71
CA ALA D 35 -0.91 -11.95 -14.76
C ALA D 35 -1.42 -12.04 -16.19
N ARG D 36 -1.94 -13.21 -16.57
CA ARG D 36 -2.43 -13.45 -17.94
C ARG D 36 -3.69 -12.62 -18.19
N ASP D 37 -3.71 -11.84 -19.28
CA ASP D 37 -4.84 -10.99 -19.62
C ASP D 37 -6.05 -11.84 -20.03
N CYS D 38 -7.25 -11.51 -19.50
CA CYS D 38 -8.52 -12.19 -19.79
C CYS D 38 -8.47 -13.69 -19.48
N LEU D 39 -7.79 -14.07 -18.39
CA LEU D 39 -7.65 -15.48 -18.03
C LEU D 39 -8.96 -16.10 -17.57
N LYS D 40 -9.25 -17.32 -18.07
CA LYS D 40 -10.46 -18.07 -17.73
C LYS D 40 -10.13 -19.56 -17.72
N GLY D 41 -10.45 -20.26 -16.62
CA GLY D 41 -10.23 -21.70 -16.49
C GLY D 41 -11.57 -22.41 -16.49
N GLU D 42 -11.86 -23.23 -17.53
CA GLU D 42 -13.12 -23.97 -17.64
C GLU D 42 -12.88 -25.50 -17.63
N PRO D 43 -13.90 -26.31 -17.25
CA PRO D 43 -13.70 -27.77 -17.26
C PRO D 43 -13.62 -28.31 -18.67
N ALA D 44 -12.62 -29.17 -18.95
CA ALA D 44 -12.40 -29.79 -20.26
C ALA D 44 -12.14 -31.30 -20.11
N GLY D 45 -12.90 -31.96 -19.21
CA GLY D 45 -12.75 -33.40 -18.97
C GLY D 45 -13.32 -33.83 -17.62
N GLU D 46 -13.44 -35.16 -17.43
CA GLU D 46 -13.96 -35.75 -16.19
C GLU D 46 -12.97 -35.63 -15.03
N LYS D 47 -13.44 -35.86 -13.79
CA LYS D 47 -12.64 -35.78 -12.57
C LYS D 47 -12.41 -37.21 -12.06
N GLN D 48 -11.13 -37.63 -11.93
CA GLN D 48 -10.78 -38.97 -11.45
C GLN D 48 -9.61 -38.86 -10.47
N ASP D 49 -9.75 -39.49 -9.27
CA ASP D 49 -8.75 -39.45 -8.20
C ASP D 49 -8.53 -37.97 -7.80
N ASN D 50 -7.29 -37.43 -7.78
CA ASN D 50 -7.04 -36.02 -7.47
C ASN D 50 -6.89 -35.19 -8.76
N THR D 51 -6.64 -35.84 -9.92
CA THR D 51 -6.44 -35.15 -11.20
C THR D 51 -7.74 -34.54 -11.76
N LEU D 52 -7.66 -33.31 -12.28
CA LEU D 52 -8.78 -32.57 -12.86
C LEU D 52 -8.24 -31.69 -14.02
N PRO D 53 -8.60 -31.99 -15.30
CA PRO D 53 -8.10 -31.20 -16.42
C PRO D 53 -8.83 -29.86 -16.56
N VAL D 54 -8.08 -28.77 -16.83
CA VAL D 54 -8.64 -27.42 -16.97
C VAL D 54 -8.06 -26.75 -18.22
N MET D 55 -8.94 -26.20 -19.09
CA MET D 55 -8.54 -25.49 -20.31
C MET D 55 -8.42 -24.00 -19.95
N MET D 56 -7.19 -23.44 -20.01
CA MET D 56 -6.91 -22.05 -19.67
C MET D 56 -6.77 -21.17 -20.92
N THR D 57 -7.78 -20.32 -21.21
CA THR D 57 -7.76 -19.40 -22.36
C THR D 57 -7.39 -17.98 -21.91
N PHE D 58 -6.57 -17.26 -22.70
CA PHE D 58 -6.12 -15.91 -22.36
C PHE D 58 -5.55 -15.15 -23.58
N LYS D 59 -5.26 -13.84 -23.40
CA LYS D 59 -4.67 -12.98 -24.43
C LYS D 59 -3.18 -12.78 -24.13
N ASN D 60 -2.32 -12.88 -25.17
CA ASN D 60 -0.86 -12.72 -25.02
C ASN D 60 -0.20 -12.37 -26.37
N GLY D 61 -0.29 -11.12 -26.87
CA GLY D 61 -1.03 -9.98 -26.34
C GLY D 61 -2.26 -9.68 -27.19
N THR D 62 -2.09 -9.66 -28.53
CA THR D 62 -3.17 -9.41 -29.49
C THR D 62 -3.90 -10.71 -29.88
N ASP D 63 -3.18 -11.86 -29.87
CA ASP D 63 -3.74 -13.16 -30.25
C ASP D 63 -4.30 -13.92 -29.06
N TRP D 64 -5.46 -14.59 -29.24
CA TRP D 64 -6.07 -15.40 -28.19
C TRP D 64 -5.35 -16.76 -28.14
N ALA D 65 -4.89 -17.18 -26.93
CA ALA D 65 -4.17 -18.43 -26.73
C ALA D 65 -4.98 -19.43 -25.92
N SER D 66 -4.48 -20.67 -25.79
CA SER D 66 -5.13 -21.73 -25.02
C SER D 66 -4.13 -22.79 -24.57
N THR D 67 -4.13 -23.13 -23.27
CA THR D 67 -3.24 -24.16 -22.68
C THR D 67 -4.07 -25.17 -21.89
N ASP D 68 -3.50 -26.37 -21.66
CA ASP D 68 -4.18 -27.47 -20.98
C ASP D 68 -3.46 -27.90 -19.71
N TRP D 69 -3.90 -27.38 -18.56
CA TRP D 69 -3.33 -27.69 -17.25
C TRP D 69 -4.08 -28.85 -16.59
N THR D 70 -3.39 -29.58 -15.70
CA THR D 70 -3.94 -30.72 -14.95
C THR D 70 -3.81 -30.40 -13.46
N PHE D 71 -4.94 -30.09 -12.80
CA PHE D 71 -4.96 -29.73 -11.38
C PHE D 71 -4.99 -30.97 -10.50
N THR D 72 -4.06 -31.06 -9.52
CA THR D 72 -4.00 -32.15 -8.55
C THR D 72 -4.55 -31.57 -7.23
N LEU D 73 -5.82 -31.88 -6.90
CA LEU D 73 -6.49 -31.35 -5.72
C LEU D 73 -6.28 -32.20 -4.47
N ASP D 74 -5.82 -31.59 -3.37
CA ASP D 74 -5.61 -32.24 -2.08
C ASP D 74 -6.09 -31.26 -1.00
N GLY D 75 -7.41 -31.24 -0.76
CA GLY D 75 -8.03 -30.33 0.21
C GLY D 75 -8.02 -28.91 -0.37
N ALA D 76 -7.42 -27.96 0.34
CA ALA D 76 -7.31 -26.57 -0.13
C ALA D 76 -6.17 -26.39 -1.16
N LYS D 77 -5.16 -27.28 -1.16
CA LYS D 77 -4.02 -27.18 -2.07
C LYS D 77 -4.38 -27.53 -3.52
N VAL D 78 -3.77 -26.82 -4.48
CA VAL D 78 -4.02 -26.97 -5.92
C VAL D 78 -2.68 -26.96 -6.68
N THR D 79 -2.14 -28.14 -7.01
CA THR D 79 -0.89 -28.28 -7.76
C THR D 79 -1.24 -28.43 -9.24
N ALA D 80 -1.01 -27.38 -10.05
CA ALA D 80 -1.30 -27.37 -11.48
C ALA D 80 -0.02 -27.65 -12.29
N THR D 81 -0.13 -28.46 -13.36
CA THR D 81 1.00 -28.84 -14.22
C THR D 81 0.67 -28.72 -15.71
N LEU D 82 1.65 -28.27 -16.53
CA LEU D 82 1.52 -28.13 -17.98
C LEU D 82 2.83 -28.59 -18.65
N GLY D 83 2.87 -29.83 -19.13
CA GLY D 83 4.07 -30.37 -19.79
C GLY D 83 5.21 -30.57 -18.79
N ASN D 84 6.14 -29.59 -18.71
CA ASN D 84 7.30 -29.63 -17.81
C ASN D 84 7.39 -28.46 -16.80
N LEU D 85 6.39 -27.56 -16.76
CA LEU D 85 6.39 -26.43 -15.82
C LEU D 85 5.20 -26.55 -14.85
N THR D 86 5.48 -26.51 -13.54
CA THR D 86 4.50 -26.68 -12.46
C THR D 86 4.23 -25.36 -11.73
N GLN D 87 2.99 -25.20 -11.22
CA GLN D 87 2.55 -24.03 -10.45
C GLN D 87 1.71 -24.49 -9.26
N ASN D 88 2.08 -24.07 -8.04
CA ASN D 88 1.38 -24.46 -6.81
C ASN D 88 0.47 -23.33 -6.33
N ARG D 89 -0.73 -23.69 -5.83
CA ARG D 89 -1.71 -22.74 -5.31
C ARG D 89 -2.40 -23.31 -4.07
N GLU D 90 -2.98 -22.41 -3.25
CA GLU D 90 -3.73 -22.76 -2.05
C GLU D 90 -4.93 -21.85 -1.94
N VAL D 91 -6.14 -22.41 -1.85
CA VAL D 91 -7.37 -21.62 -1.73
C VAL D 91 -7.45 -21.19 -0.26
N VAL D 92 -7.28 -19.89 0.02
CA VAL D 92 -7.29 -19.34 1.39
C VAL D 92 -8.68 -18.85 1.83
N TYR D 93 -9.59 -18.63 0.89
CA TYR D 93 -10.96 -18.18 1.18
C TYR D 93 -11.87 -18.57 0.04
N ASP D 94 -13.11 -18.95 0.36
CA ASP D 94 -14.12 -19.34 -0.61
C ASP D 94 -15.46 -18.81 -0.12
N SER D 95 -16.24 -18.15 -0.98
CA SER D 95 -17.54 -17.58 -0.56
C SER D 95 -18.55 -18.68 -0.22
N GLN D 96 -19.67 -18.27 0.40
CA GLN D 96 -20.75 -19.16 0.86
C GLN D 96 -21.31 -20.10 -0.20
N SER D 97 -21.56 -19.60 -1.42
CA SER D 97 -22.14 -20.37 -2.51
C SER D 97 -21.11 -20.82 -3.56
N HIS D 98 -19.80 -20.70 -3.25
CA HIS D 98 -18.71 -21.08 -4.16
C HIS D 98 -18.76 -20.24 -5.45
N HIS D 99 -19.14 -18.96 -5.33
CA HIS D 99 -19.24 -18.02 -6.44
C HIS D 99 -17.90 -17.34 -6.70
N CYS D 100 -17.05 -17.26 -5.68
CA CYS D 100 -15.71 -16.70 -5.80
C CYS D 100 -14.80 -17.23 -4.73
N HIS D 101 -13.50 -17.11 -4.96
CA HIS D 101 -12.50 -17.57 -4.00
C HIS D 101 -11.20 -16.83 -4.19
N VAL D 102 -10.35 -16.83 -3.16
CA VAL D 102 -9.06 -16.17 -3.17
C VAL D 102 -7.96 -17.23 -3.02
N ASP D 103 -6.95 -17.19 -3.89
CA ASP D 103 -5.83 -18.15 -3.86
C ASP D 103 -4.54 -17.48 -3.47
N LYS D 104 -3.68 -18.22 -2.76
CA LYS D 104 -2.32 -17.80 -2.43
C LYS D 104 -1.46 -18.59 -3.40
N VAL D 105 -0.82 -17.92 -4.36
CA VAL D 105 0.01 -18.57 -5.38
C VAL D 105 1.37 -18.87 -4.74
N GLU D 106 1.67 -20.15 -4.47
CA GLU D 106 2.93 -20.55 -3.82
C GLU D 106 4.11 -20.41 -4.77
N LYS D 107 4.95 -19.39 -4.51
CA LYS D 107 6.17 -19.06 -5.26
C LYS D 107 7.23 -18.62 -4.23
N GLU D 108 8.44 -18.24 -4.67
CA GLU D 108 9.46 -17.71 -3.77
C GLU D 108 8.91 -16.40 -3.17
N VAL D 109 8.31 -15.54 -4.05
CA VAL D 109 7.61 -14.31 -3.65
C VAL D 109 6.11 -14.63 -3.95
N PRO D 110 5.30 -14.92 -2.90
CA PRO D 110 3.92 -15.35 -3.15
C PRO D 110 2.98 -14.25 -3.61
N ASP D 111 2.08 -14.56 -4.56
CA ASP D 111 1.07 -13.64 -5.08
C ASP D 111 -0.33 -14.08 -4.65
N TYR D 112 -1.30 -13.14 -4.66
CA TYR D 112 -2.68 -13.43 -4.32
C TYR D 112 -3.57 -13.20 -5.54
N GLU D 113 -4.59 -14.06 -5.74
CA GLU D 113 -5.51 -13.99 -6.87
C GLU D 113 -6.94 -14.16 -6.44
N MET D 114 -7.89 -13.45 -7.08
CA MET D 114 -9.32 -13.62 -6.84
C MET D 114 -9.91 -14.20 -8.12
N TRP D 115 -10.64 -15.31 -8.00
CA TRP D 115 -11.31 -15.96 -9.11
C TRP D 115 -12.80 -15.97 -8.83
N MET D 116 -13.64 -15.77 -9.85
CA MET D 116 -15.10 -15.78 -9.69
C MET D 116 -15.77 -16.46 -10.87
N LEU D 117 -17.04 -16.88 -10.71
CA LEU D 117 -17.80 -17.54 -11.77
C LEU D 117 -17.92 -16.64 -13.00
N ASP D 118 -17.82 -17.23 -14.20
CA ASP D 118 -17.92 -16.51 -15.47
C ASP D 118 -19.31 -15.87 -15.65
N ALA D 119 -20.37 -16.60 -15.21
CA ALA D 119 -21.75 -16.10 -15.30
C ALA D 119 -22.15 -15.27 -14.05
N GLY D 120 -21.17 -14.73 -13.29
CA GLY D 120 -21.44 -13.91 -12.11
C GLY D 120 -21.95 -14.72 -10.92
N GLY D 121 -22.19 -14.01 -9.81
CA GLY D 121 -22.70 -14.59 -8.57
C GLY D 121 -23.43 -13.51 -7.76
N LEU D 122 -23.61 -13.75 -6.45
CA LEU D 122 -24.28 -12.77 -5.59
C LEU D 122 -23.28 -11.64 -5.29
N GLU D 123 -23.68 -10.38 -5.56
CA GLU D 123 -22.81 -9.21 -5.34
C GLU D 123 -22.17 -9.18 -3.96
N VAL D 124 -22.95 -9.48 -2.91
CA VAL D 124 -22.47 -9.52 -1.52
C VAL D 124 -21.30 -10.51 -1.35
N GLU D 125 -21.39 -11.69 -1.99
CA GLU D 125 -20.33 -12.70 -1.92
C GLU D 125 -19.09 -12.29 -2.70
N VAL D 126 -19.28 -11.71 -3.90
CA VAL D 126 -18.16 -11.25 -4.73
C VAL D 126 -17.43 -10.11 -4.01
N GLU D 127 -18.19 -9.21 -3.36
CA GLU D 127 -17.61 -8.11 -2.58
C GLU D 127 -16.78 -8.63 -1.40
N CYS D 128 -17.23 -9.72 -0.75
CA CYS D 128 -16.48 -10.33 0.36
C CYS D 128 -15.13 -10.87 -0.12
N CYS D 129 -15.09 -11.47 -1.34
CA CYS D 129 -13.85 -11.96 -1.94
C CYS D 129 -12.90 -10.80 -2.23
N ARG D 130 -13.43 -9.66 -2.72
CA ARG D 130 -12.61 -8.48 -3.02
C ARG D 130 -11.97 -7.92 -1.76
N GLN D 131 -12.72 -7.86 -0.63
CA GLN D 131 -12.20 -7.37 0.65
C GLN D 131 -11.12 -8.33 1.19
N LYS D 132 -11.34 -9.64 1.06
CA LYS D 132 -10.36 -10.63 1.54
C LYS D 132 -9.06 -10.52 0.75
N LEU D 133 -9.17 -10.35 -0.59
CA LEU D 133 -8.01 -10.17 -1.46
C LEU D 133 -7.29 -8.87 -1.08
N GLU D 134 -8.06 -7.78 -0.88
CA GLU D 134 -7.54 -6.48 -0.46
C GLU D 134 -6.73 -6.60 0.84
N GLU D 135 -7.31 -7.30 1.84
CA GLU D 135 -6.71 -7.52 3.15
C GLU D 135 -5.40 -8.33 3.04
N LEU D 136 -5.42 -9.42 2.26
CA LEU D 136 -4.23 -10.27 2.07
C LEU D 136 -3.14 -9.58 1.24
N ALA D 137 -3.53 -8.75 0.26
CA ALA D 137 -2.61 -8.06 -0.64
C ALA D 137 -2.29 -6.62 -0.17
N SER D 138 -2.02 -6.42 1.14
CA SER D 138 -1.74 -5.07 1.67
C SER D 138 -0.43 -4.51 1.11
N GLY D 139 -0.50 -3.30 0.54
CA GLY D 139 0.63 -2.61 -0.08
C GLY D 139 1.08 -3.23 -1.41
N ARG D 140 0.13 -3.86 -2.14
CA ARG D 140 0.41 -4.48 -3.43
C ARG D 140 -0.65 -4.02 -4.41
N ASN D 141 -0.24 -3.63 -5.63
CA ASN D 141 -1.20 -3.23 -6.67
C ASN D 141 -2.00 -4.45 -7.10
N GLN D 142 -3.28 -4.25 -7.42
CA GLN D 142 -4.17 -5.32 -7.86
C GLN D 142 -4.45 -5.12 -9.34
N MET D 143 -4.07 -6.09 -10.17
CA MET D 143 -4.34 -6.05 -11.60
C MET D 143 -5.78 -6.48 -11.77
N TYR D 144 -6.44 -6.03 -12.85
CA TYR D 144 -7.83 -6.38 -13.19
C TYR D 144 -7.76 -7.04 -14.58
N PRO D 145 -7.31 -8.32 -14.68
CA PRO D 145 -7.13 -8.97 -15.98
C PRO D 145 -8.35 -9.06 -16.89
N HIS D 146 -9.56 -9.11 -16.32
CA HIS D 146 -10.80 -9.17 -17.11
C HIS D 146 -11.17 -7.83 -17.80
N LEU D 147 -10.43 -6.73 -17.54
CA LEU D 147 -10.65 -5.43 -18.17
C LEU D 147 -9.48 -5.08 -19.13
N LYS D 148 -8.84 -6.10 -19.73
CA LYS D 148 -7.71 -5.92 -20.66
C LYS D 148 -8.16 -6.19 -22.11
N ASP D 149 -9.21 -5.46 -22.56
CA ASP D 149 -9.79 -5.57 -23.91
C ASP D 149 -10.20 -7.02 -24.22
N CYS D 150 -11.01 -7.60 -23.33
CA CYS D 150 -11.50 -8.98 -23.42
C CYS D 150 -12.80 -9.07 -24.22
O1 LTB E . 20.67 -9.99 -13.53
C1 LTB E . 19.92 -9.56 -12.62
O2 LTB E . 18.73 -9.92 -12.44
C2 LTB E . 20.50 -8.51 -11.69
C3 LTB E . 19.63 -7.24 -11.62
C4 LTB E . 19.69 -6.46 -12.92
C5 LTB E . 18.98 -5.11 -12.83
O3 LTB E . 17.58 -5.29 -12.66
C6 LTB E . 19.22 -4.33 -14.12
C7 LTB E . 19.56 -2.97 -14.16
C8 LTB E . 19.76 -2.21 -13.02
C9 LTB E . 20.11 -0.87 -13.12
C10 LTB E . 20.37 -0.02 -12.04
C11 LTB E . 20.74 1.31 -12.12
C12 LTB E . 21.01 2.09 -10.83
C20 LTB E . 29.74 1.63 -13.57
O12 LTB E . 20.40 3.38 -10.96
C19 LTB E . 29.04 1.10 -12.32
C18 LTB E . 27.55 1.48 -12.29
C17 LTB E . 26.93 1.18 -10.94
C16 LTB E . 25.51 1.77 -10.78
C15 LTB E . 24.55 0.83 -10.38
C14 LTB E . 23.17 1.05 -10.30
C13 LTB E . 22.52 2.25 -10.62
O1 LTB F . 1.10 17.58 22.87
C1 LTB F . 1.35 16.83 21.89
O2 LTB F . 0.51 16.44 21.04
C2 LTB F . 2.79 16.37 21.72
C3 LTB F . 2.90 14.90 21.30
C4 LTB F . 2.42 13.97 22.40
C5 LTB F . 2.60 12.50 22.04
O3 LTB F . 1.70 12.14 20.98
C6 LTB F . 2.30 11.62 23.25
C7 LTB F . 3.07 10.50 23.62
C8 LTB F . 4.21 10.11 22.91
C9 LTB F . 4.92 8.99 23.34
C10 LTB F . 6.10 8.52 22.74
C11 LTB F . 6.84 7.42 23.14
C12 LTB F . 8.13 7.07 22.39
C20 LTB F . 12.85 10.77 28.71
O12 LTB F . 8.24 5.64 22.34
C19 LTB F . 12.83 9.77 27.55
C18 LTB F . 12.66 10.48 26.20
C17 LTB F . 12.04 9.55 25.15
C16 LTB F . 10.51 9.67 25.08
C15 LTB F . 10.03 9.96 23.79
C14 LTB F . 9.49 9.04 22.88
C13 LTB F . 9.34 7.66 23.11
O1 LTB G . -20.64 13.79 9.87
C1 LTB G . -19.86 12.94 9.39
O2 LTB G . -18.68 12.75 9.74
C2 LTB G . -20.41 12.04 8.28
C3 LTB G . -19.46 11.95 7.09
C4 LTB G . -19.36 13.29 6.36
C5 LTB G . -18.66 13.17 5.02
O3 LTB G . -17.32 12.71 5.20
C6 LTB G . -18.64 14.54 4.33
C7 LTB G . -18.80 14.74 2.96
C8 LTB G . -19.03 13.70 2.07
C9 LTB G . -19.18 13.99 0.71
C10 LTB G . -19.45 13.04 -0.28
C11 LTB G . -19.61 13.29 -1.63
C12 LTB G . -19.94 12.11 -2.58
C20 LTB G . -28.62 14.64 -2.36
O12 LTB G . -19.25 12.35 -3.82
C19 LTB G . -27.96 13.34 -1.90
C18 LTB G . -26.49 13.29 -2.33
C17 LTB G . -25.93 11.87 -2.18
C16 LTB G . -24.47 11.76 -2.67
C15 LTB G . -23.57 11.50 -1.63
C14 LTB G . -22.17 11.63 -1.70
C13 LTB G . -21.45 12.06 -2.83
O1 LTB H . -0.39 -21.14 -19.43
C1 LTB H . -0.65 -20.14 -18.72
O2 LTB H . 0.20 -19.43 -18.14
C2 LTB H . -2.12 -19.77 -18.55
C3 LTB H . -2.47 -19.50 -17.08
C4 LTB H . -2.22 -20.73 -16.22
C5 LTB H . -2.27 -20.42 -14.73
O3 LTB H . -1.21 -19.53 -14.39
C6 LTB H . -2.11 -21.73 -13.95
C7 LTB H . -2.97 -22.17 -12.95
C8 LTB H . -4.11 -21.48 -12.55
C9 LTB H . -4.90 -22.01 -11.54
C10 LTB H . -6.09 -21.45 -11.04
C11 LTB H . -6.89 -21.97 -10.04
C12 LTB H . -8.19 -21.25 -9.64
C20 LTB H . -12.64 -28.00 -13.82
O12 LTB H . -8.29 -21.30 -8.21
C19 LTB H . -12.77 -26.49 -14.00
C18 LTB H . -12.03 -25.72 -12.89
C17 LTB H . -11.86 -24.25 -13.27
C16 LTB H . -11.32 -23.39 -12.10
C15 LTB H . -10.34 -22.48 -12.50
C14 LTB H . -9.44 -21.81 -11.66
C13 LTB H . -9.40 -21.94 -10.26
#